data_4LCQ
#
_entry.id   4LCQ
#
_cell.length_a   161.204
_cell.length_b   161.204
_cell.length_c   93.803
_cell.angle_alpha   90.00
_cell.angle_beta   90.00
_cell.angle_gamma   90.00
#
_symmetry.space_group_name_H-M   'I 41 2 2'
#
loop_
_entity.id
_entity.type
_entity.pdbx_description
1 polymer dihydropyrimidinase
2 non-polymer 'ZINC ION'
3 non-polymer '(2S)-3-(carbamoylamino)-2-methylpropanoic acid'
4 water water
#
_entity_poly.entity_id   1
_entity_poly.type   'polypeptide(L)'
_entity_poly.pdbx_seq_one_letter_code
;GSAGSGTIDDDDKSPGARGSMAEAGEILIKGGKVVNEDCSFFSDVHIRGGKIVEVGPDLRVPPGARVIDATDRLVIPGGI
DTHTHMELAFMGTRAVDDFHIGTKAALAGGTTMILDFVMTQKGQSLLEAYDLWRKTADPKVCCDYSLHVAVTWWSDEVKD
EMRTLAQERGVNSF(KCX)MFMAYKGLFMLRDDELYAVFSHCKEVGAIAQVHAENGDLIAEGAKKMLSLGITGPEGHELC
RPEAVEAEATQRAITIASAVNCPLYVVHVMSKSAADVVSKARKDGRVVFGEPIAASLGTDGTNYWHKDWAHAAQYVMGPP
LRPDPSTPGYLMDLLANDDLTLTGTDNCTFSRCQKALGKDDFTRIPNGVNGVEDRMSVIWEKGVHSGKMDENRFVAVTSS
NAAKIFNFYPQKGRIAKDSDADVVIWDPKTTRKISAQTHHQAVDYNIFEGMECHGVPVVTVSRGRVVYEEGRLKVSPGQG
RFIHRQPFSEFVYKRIRQRDEVGKPAVVIREPYAGEVVALGTSD
;
_entity_poly.pdbx_strand_id   A
#
loop_
_chem_comp.id
_chem_comp.type
_chem_comp.name
_chem_comp.formula
URQ non-polymer '(2S)-3-(carbamoylamino)-2-methylpropanoic acid' 'C5 H10 N2 O3'
ZN non-polymer 'ZINC ION' 'Zn 2'
#
# COMPACT_ATOMS: atom_id res chain seq x y z
N ALA A 24 -10.43 -7.17 -30.14
CA ALA A 24 -9.32 -7.02 -29.15
C ALA A 24 -9.29 -5.62 -28.45
N GLY A 25 -9.56 -4.55 -29.21
CA GLY A 25 -9.16 -3.20 -28.77
C GLY A 25 -7.62 -3.07 -28.93
N GLU A 26 -7.17 -2.32 -29.92
CA GLU A 26 -5.74 -2.06 -30.12
C GLU A 26 -5.53 -0.60 -29.81
N ILE A 27 -4.41 -0.29 -29.18
CA ILE A 27 -4.12 1.10 -28.79
C ILE A 27 -2.65 1.25 -29.10
N LEU A 28 -2.35 2.41 -29.65
CA LEU A 28 -0.98 2.82 -29.82
C LEU A 28 -0.77 4.11 -29.04
N ILE A 29 0.08 4.09 -28.04
CA ILE A 29 0.43 5.29 -27.31
C ILE A 29 1.70 5.84 -28.00
N LYS A 30 1.55 7.01 -28.64
CA LYS A 30 2.58 7.52 -29.52
C LYS A 30 3.15 8.88 -29.01
N GLY A 31 4.44 8.99 -29.18
CA GLY A 31 5.20 10.25 -29.00
C GLY A 31 5.62 10.54 -27.57
N GLY A 32 5.32 9.63 -26.62
CA GLY A 32 5.71 9.92 -25.22
C GLY A 32 7.13 9.38 -24.88
N LYS A 33 7.54 9.68 -23.64
CA LYS A 33 8.79 9.12 -23.12
C LYS A 33 8.43 8.05 -22.10
N VAL A 34 8.90 6.84 -22.41
CA VAL A 34 8.56 5.66 -21.51
C VAL A 34 9.52 5.82 -20.28
N VAL A 35 8.99 5.54 -19.11
CA VAL A 35 9.79 5.68 -17.86
C VAL A 35 9.59 4.35 -17.14
N ASN A 36 10.70 3.61 -17.03
CA ASN A 36 10.72 2.37 -16.21
C ASN A 36 11.58 2.64 -14.96
N GLU A 37 11.66 1.67 -14.07
CA GLU A 37 12.53 1.83 -12.86
C GLU A 37 13.99 1.99 -13.23
N ASP A 38 14.41 1.39 -14.35
CA ASP A 38 15.84 1.52 -14.68
C ASP A 38 16.28 2.72 -15.49
N CYS A 39 15.50 3.06 -16.49
CA CYS A 39 15.83 4.23 -17.31
C CYS A 39 14.60 4.74 -18.07
N SER A 40 14.78 5.90 -18.75
CA SER A 40 13.66 6.48 -19.52
C SER A 40 14.11 6.56 -20.95
N PHE A 41 13.19 6.48 -21.90
CA PHE A 41 13.62 6.50 -23.34
C PHE A 41 12.36 6.84 -24.13
N PHE A 42 12.56 7.57 -25.22
CA PHE A 42 11.40 7.80 -26.15
C PHE A 42 11.02 6.54 -26.93
N SER A 43 9.72 6.23 -27.01
CA SER A 43 9.29 5.10 -27.81
C SER A 43 7.76 5.12 -27.73
N ASP A 44 7.15 4.49 -28.72
CA ASP A 44 5.72 4.27 -28.71
C ASP A 44 5.46 2.90 -28.07
N VAL A 45 4.23 2.69 -27.68
CA VAL A 45 3.83 1.46 -27.00
C VAL A 45 2.55 0.96 -27.69
N HIS A 46 2.62 -0.23 -28.19
CA HIS A 46 1.53 -0.92 -28.88
C HIS A 46 0.88 -1.93 -27.93
N ILE A 47 -0.41 -1.73 -27.72
CA ILE A 47 -1.22 -2.54 -26.82
C ILE A 47 -2.24 -3.31 -27.66
N ARG A 48 -2.35 -4.63 -27.42
CA ARG A 48 -3.35 -5.43 -28.11
C ARG A 48 -3.84 -6.47 -27.10
N GLY A 49 -5.16 -6.64 -26.96
CA GLY A 49 -5.57 -7.81 -26.18
C GLY A 49 -5.17 -7.77 -24.72
N GLY A 50 -5.18 -6.61 -24.10
CA GLY A 50 -4.85 -6.63 -22.61
C GLY A 50 -3.32 -6.52 -22.33
N LYS A 51 -2.48 -6.64 -23.36
CA LYS A 51 -1.02 -6.75 -23.16
C LYS A 51 -0.29 -5.69 -23.96
N ILE A 52 0.91 -5.33 -23.51
CA ILE A 52 1.81 -4.55 -24.32
C ILE A 52 2.48 -5.53 -25.28
N VAL A 53 2.30 -5.33 -26.61
CA VAL A 53 2.89 -6.26 -27.55
C VAL A 53 4.12 -5.72 -28.30
N GLU A 54 4.37 -4.41 -28.25
CA GLU A 54 5.61 -3.86 -28.82
C GLU A 54 5.95 -2.55 -28.14
N VAL A 55 7.26 -2.31 -27.96
CA VAL A 55 7.74 -1.02 -27.46
C VAL A 55 8.88 -0.61 -28.39
N GLY A 56 8.77 0.55 -29.01
CA GLY A 56 9.87 0.93 -29.96
C GLY A 56 9.51 2.28 -30.60
N PRO A 57 10.46 2.89 -31.32
CA PRO A 57 10.24 4.18 -31.98
C PRO A 57 9.36 4.05 -33.21
N ASP A 58 8.54 5.07 -33.49
CA ASP A 58 7.85 5.17 -34.77
C ASP A 58 7.05 3.96 -35.16
N LEU A 59 6.18 3.48 -34.28
CA LEU A 59 5.46 2.29 -34.61
C LEU A 59 4.30 2.60 -35.55
N ARG A 60 3.97 1.66 -36.43
CA ARG A 60 2.79 1.79 -37.33
C ARG A 60 1.49 1.76 -36.56
N VAL A 61 0.54 2.61 -36.95
CA VAL A 61 -0.77 2.47 -36.36
C VAL A 61 -1.59 1.42 -37.14
N PRO A 62 -1.91 0.27 -36.54
CA PRO A 62 -2.70 -0.74 -37.33
C PRO A 62 -4.15 -0.16 -37.60
N PRO A 63 -4.76 -0.41 -38.80
CA PRO A 63 -6.11 0.07 -39.02
C PRO A 63 -7.06 -0.28 -37.90
N GLY A 64 -7.84 0.70 -37.41
CA GLY A 64 -8.80 0.38 -36.36
C GLY A 64 -8.28 0.68 -34.96
N ALA A 65 -6.97 0.88 -34.82
CA ALA A 65 -6.38 1.07 -33.44
C ALA A 65 -6.58 2.50 -33.01
N ARG A 66 -6.84 2.72 -31.74
CA ARG A 66 -6.91 4.07 -31.21
C ARG A 66 -5.50 4.66 -30.89
N VAL A 67 -5.19 5.85 -31.36
CA VAL A 67 -3.88 6.48 -30.96
C VAL A 67 -4.09 7.37 -29.76
N ILE A 68 -3.37 7.14 -28.66
CA ILE A 68 -3.29 8.15 -27.57
C ILE A 68 -2.03 8.97 -27.83
N ASP A 69 -2.18 10.26 -27.92
CA ASP A 69 -1.06 11.12 -28.28
C ASP A 69 -0.41 11.47 -26.92
N ALA A 70 0.76 10.90 -26.68
CA ALA A 70 1.50 11.11 -25.42
C ALA A 70 2.66 12.08 -25.66
N THR A 71 2.62 12.86 -26.76
CA THR A 71 3.59 14.00 -26.87
C THR A 71 3.61 14.90 -25.61
N ASP A 72 4.82 15.14 -25.12
CA ASP A 72 5.11 15.93 -23.91
C ASP A 72 4.61 15.27 -22.67
N ARG A 73 4.50 13.92 -22.72
CA ARG A 73 3.99 13.21 -21.52
C ARG A 73 4.96 12.07 -21.22
N LEU A 74 4.85 11.53 -20.00
CA LEU A 74 5.63 10.32 -19.67
C LEU A 74 4.64 9.14 -19.74
N VAL A 75 5.18 8.01 -20.15
CA VAL A 75 4.35 6.78 -20.25
C VAL A 75 4.88 5.86 -19.14
N ILE A 76 4.08 5.59 -18.12
CA ILE A 76 4.61 4.88 -16.92
C ILE A 76 3.71 3.71 -16.63
N PRO A 77 4.25 2.68 -15.94
CA PRO A 77 3.37 1.59 -15.44
C PRO A 77 2.36 2.26 -14.49
N GLY A 78 1.11 1.75 -14.50
CA GLY A 78 0.14 2.25 -13.61
C GLY A 78 0.55 2.03 -12.17
N GLY A 79 0.10 2.91 -11.27
CA GLY A 79 0.45 2.75 -9.83
C GLY A 79 -0.15 1.45 -9.26
N ILE A 80 0.54 0.83 -8.30
CA ILE A 80 0.02 -0.37 -7.59
C ILE A 80 -0.01 0.05 -6.13
N ASP A 81 -1.22 0.11 -5.61
CA ASP A 81 -1.39 0.52 -4.22
C ASP A 81 -1.36 -0.76 -3.40
N THR A 82 -0.27 -0.90 -2.61
CA THR A 82 -0.09 -2.14 -1.83
C THR A 82 -1.00 -2.29 -0.63
N HIS A 83 -1.84 -1.26 -0.32
CA HIS A 83 -2.44 -1.19 1.04
C HIS A 83 -3.80 -0.52 1.01
N THR A 84 -4.90 -1.31 0.87
CA THR A 84 -6.24 -0.76 0.90
C THR A 84 -7.18 -1.57 1.78
N HIS A 85 -8.24 -0.94 2.18
CA HIS A 85 -9.29 -1.55 2.99
C HIS A 85 -10.64 -1.06 2.43
N MET A 86 -10.97 -1.46 1.19
CA MET A 86 -12.23 -0.98 0.58
C MET A 86 -13.41 -1.63 1.34
N GLU A 87 -14.40 -0.82 1.60
CA GLU A 87 -15.63 -1.26 2.35
C GLU A 87 -15.43 -2.17 3.53
N LEU A 88 -14.43 -1.84 4.38
CA LEU A 88 -14.11 -2.70 5.53
C LEU A 88 -15.06 -2.34 6.65
N ALA A 89 -15.69 -3.34 7.23
CA ALA A 89 -16.50 -3.17 8.47
C ALA A 89 -15.53 -3.10 9.64
N PHE A 90 -15.52 -1.97 10.34
CA PHE A 90 -14.47 -1.71 11.36
C PHE A 90 -14.98 -0.64 12.33
N MET A 91 -14.68 -0.83 13.62
CA MET A 91 -15.03 0.17 14.62
C MET A 91 -16.50 0.62 14.57
N GLY A 92 -17.36 -0.37 14.36
CA GLY A 92 -18.82 -0.18 14.43
C GLY A 92 -19.49 0.40 13.18
N THR A 93 -18.76 0.63 12.08
CA THR A 93 -19.36 1.13 10.83
C THR A 93 -18.59 0.48 9.63
N ARG A 94 -18.74 0.98 8.41
CA ARG A 94 -18.13 0.33 7.25
C ARG A 94 -17.53 1.41 6.37
N ALA A 95 -16.25 1.26 5.95
CA ALA A 95 -15.65 2.30 5.15
C ALA A 95 -16.47 2.67 3.96
N VAL A 96 -16.52 3.96 3.64
CA VAL A 96 -17.40 4.45 2.58
C VAL A 96 -16.87 4.28 1.18
N ASP A 97 -15.55 4.31 0.98
CA ASP A 97 -15.03 3.93 -0.35
C ASP A 97 -15.11 2.40 -0.44
N ASP A 98 -15.97 1.87 -1.32
CA ASP A 98 -16.09 0.41 -1.48
C ASP A 98 -15.27 -0.08 -2.66
N PHE A 99 -15.38 -1.38 -3.01
CA PHE A 99 -14.51 -1.90 -4.09
C PHE A 99 -14.75 -1.21 -5.42
N HIS A 100 -16.02 -0.83 -5.65
CA HIS A 100 -16.38 -0.21 -6.91
C HIS A 100 -15.87 1.24 -6.98
N ILE A 101 -16.32 2.06 -6.03
CA ILE A 101 -15.95 3.50 -6.02
C ILE A 101 -14.46 3.69 -5.79
N GLY A 102 -13.97 2.83 -4.90
CA GLY A 102 -12.53 2.95 -4.53
C GLY A 102 -11.60 2.66 -5.73
N THR A 103 -11.94 1.64 -6.54
CA THR A 103 -11.13 1.34 -7.72
C THR A 103 -11.28 2.31 -8.83
N LYS A 104 -12.50 2.85 -8.99
CA LYS A 104 -12.67 3.99 -9.88
C LYS A 104 -11.81 5.20 -9.50
N ALA A 105 -11.83 5.54 -8.20
CA ALA A 105 -11.03 6.68 -7.71
C ALA A 105 -9.53 6.40 -7.94
N ALA A 106 -9.09 5.17 -7.66
CA ALA A 106 -7.72 4.75 -8.03
C ALA A 106 -7.41 5.04 -9.43
N LEU A 107 -8.29 4.60 -10.34
CA LEU A 107 -8.00 4.84 -11.76
C LEU A 107 -7.86 6.30 -12.15
N ALA A 108 -8.79 7.13 -11.61
CA ALA A 108 -8.76 8.55 -11.92
C ALA A 108 -7.45 9.18 -11.40
N GLY A 109 -6.80 8.51 -10.45
CA GLY A 109 -5.54 9.07 -9.90
C GLY A 109 -4.28 8.38 -10.41
N GLY A 110 -4.40 7.61 -11.48
CA GLY A 110 -3.26 6.91 -12.10
C GLY A 110 -2.78 5.66 -11.39
N THR A 111 -3.65 5.08 -10.60
CA THR A 111 -3.40 3.75 -9.93
C THR A 111 -4.27 2.68 -10.58
N THR A 112 -3.64 1.57 -11.04
CA THR A 112 -4.33 0.56 -11.87
C THR A 112 -4.41 -0.79 -11.13
N MET A 113 -3.87 -0.88 -9.93
CA MET A 113 -4.08 -2.10 -9.09
C MET A 113 -4.12 -1.73 -7.61
N ILE A 114 -4.98 -2.43 -6.85
CA ILE A 114 -4.95 -2.28 -5.40
C ILE A 114 -4.70 -3.63 -4.77
N LEU A 115 -4.09 -3.66 -3.58
CA LEU A 115 -3.97 -4.92 -2.84
C LEU A 115 -4.61 -4.69 -1.46
N ASP A 116 -5.70 -5.42 -1.20
CA ASP A 116 -6.57 -5.12 -0.10
C ASP A 116 -6.47 -6.26 0.92
N PHE A 117 -6.72 -5.94 2.17
CA PHE A 117 -6.53 -6.89 3.30
C PHE A 117 -7.82 -7.62 3.63
N VAL A 118 -7.73 -8.94 3.57
CA VAL A 118 -8.77 -9.81 4.11
C VAL A 118 -8.64 -9.78 5.64
N MET A 119 -9.55 -9.05 6.31
CA MET A 119 -9.37 -8.80 7.78
C MET A 119 -10.10 -9.91 8.56
N THR A 120 -9.53 -11.10 8.59
CA THR A 120 -10.15 -12.23 9.28
C THR A 120 -10.38 -11.93 10.78
N GLN A 121 -11.56 -12.26 11.28
CA GLN A 121 -11.82 -12.06 12.71
C GLN A 121 -11.22 -13.16 13.51
N LYS A 122 -10.92 -12.86 14.79
CA LYS A 122 -10.43 -13.79 15.71
C LYS A 122 -11.34 -15.02 15.75
N GLY A 123 -10.76 -16.20 15.62
CA GLY A 123 -11.48 -17.48 15.62
C GLY A 123 -12.21 -17.77 14.32
N GLN A 124 -12.16 -16.88 13.34
CA GLN A 124 -12.82 -17.10 12.04
C GLN A 124 -11.87 -17.82 11.04
N SER A 125 -12.44 -18.69 10.22
CA SER A 125 -11.67 -19.39 9.17
C SER A 125 -11.06 -18.36 8.14
N LEU A 126 -9.76 -18.49 7.90
CA LEU A 126 -9.09 -17.60 6.92
C LEU A 126 -9.70 -17.86 5.52
N LEU A 127 -9.98 -19.14 5.22
CA LEU A 127 -10.61 -19.47 3.94
C LEU A 127 -11.99 -18.86 3.75
N GLU A 128 -12.83 -18.94 4.79
CA GLU A 128 -14.10 -18.22 4.70
C GLU A 128 -13.98 -16.73 4.51
N ALA A 129 -13.04 -16.09 5.22
CA ALA A 129 -12.91 -14.67 5.13
C ALA A 129 -12.38 -14.35 3.69
N TYR A 130 -11.38 -15.12 3.22
CA TYR A 130 -10.87 -14.92 1.84
C TYR A 130 -12.05 -15.04 0.85
N ASP A 131 -12.86 -16.10 1.01
CA ASP A 131 -13.97 -16.26 0.04
C ASP A 131 -14.95 -15.09 0.07
N LEU A 132 -15.26 -14.61 1.27
CA LEU A 132 -16.16 -13.50 1.44
C LEU A 132 -15.56 -12.23 0.72
N TRP A 133 -14.24 -12.00 0.86
CA TRP A 133 -13.66 -10.86 0.16
C TRP A 133 -13.76 -11.05 -1.34
N ARG A 134 -13.44 -12.24 -1.86
CA ARG A 134 -13.45 -12.44 -3.36
C ARG A 134 -14.93 -12.22 -3.88
N LYS A 135 -15.91 -12.79 -3.15
CA LYS A 135 -17.35 -12.60 -3.54
C LYS A 135 -17.74 -11.12 -3.55
N THR A 136 -17.16 -10.30 -2.63
CA THR A 136 -17.55 -8.90 -2.47
C THR A 136 -16.84 -8.13 -3.61
N ALA A 137 -15.56 -8.44 -3.79
CA ALA A 137 -14.76 -7.61 -4.72
C ALA A 137 -14.84 -8.02 -6.20
N ASP A 138 -14.87 -9.31 -6.49
CA ASP A 138 -14.85 -9.74 -7.88
C ASP A 138 -15.87 -9.02 -8.80
N PRO A 139 -17.11 -8.84 -8.32
CA PRO A 139 -18.12 -8.19 -9.27
C PRO A 139 -18.08 -6.67 -9.21
N LYS A 140 -17.23 -6.08 -8.34
CA LYS A 140 -17.21 -4.65 -8.21
C LYS A 140 -15.94 -3.98 -8.70
N VAL A 141 -14.80 -4.67 -8.63
CA VAL A 141 -13.54 -3.87 -8.98
C VAL A 141 -13.49 -3.40 -10.41
N CYS A 142 -12.97 -2.18 -10.62
CA CYS A 142 -12.82 -1.61 -11.94
C CYS A 142 -11.43 -1.74 -12.47
N CYS A 143 -10.52 -2.11 -11.57
CA CYS A 143 -9.13 -2.36 -11.95
C CYS A 143 -8.67 -3.71 -11.39
N ASP A 144 -7.50 -4.19 -11.78
CA ASP A 144 -7.03 -5.43 -11.19
C ASP A 144 -6.74 -5.25 -9.69
N TYR A 145 -6.68 -6.36 -8.95
CA TYR A 145 -6.43 -6.28 -7.53
C TYR A 145 -5.91 -7.62 -7.07
N SER A 146 -5.32 -7.63 -5.88
CA SER A 146 -5.16 -8.89 -5.23
C SER A 146 -5.36 -8.67 -3.73
N LEU A 147 -5.05 -9.71 -2.97
CA LEU A 147 -5.41 -9.73 -1.53
C LEU A 147 -4.21 -10.16 -0.68
N HIS A 148 -4.05 -9.48 0.48
CA HIS A 148 -3.29 -10.08 1.61
C HIS A 148 -4.28 -10.68 2.63
N VAL A 149 -3.86 -11.67 3.37
CA VAL A 149 -4.81 -12.24 4.44
C VAL A 149 -4.23 -12.00 5.86
N ALA A 150 -5.03 -11.35 6.73
CA ALA A 150 -4.69 -11.16 8.10
C ALA A 150 -4.76 -12.46 8.92
N VAL A 151 -3.75 -12.70 9.72
CA VAL A 151 -3.70 -13.85 10.60
C VAL A 151 -3.87 -13.27 12.00
N THR A 152 -5.11 -13.33 12.49
CA THR A 152 -5.47 -12.63 13.71
C THR A 152 -5.67 -13.60 14.88
N TRP A 153 -5.31 -14.85 14.72
CA TRP A 153 -5.28 -15.81 15.77
C TRP A 153 -4.51 -16.98 15.23
N TRP A 154 -4.24 -17.95 16.09
CA TRP A 154 -3.33 -19.05 15.74
C TRP A 154 -3.80 -20.36 16.24
N SER A 155 -3.65 -21.38 15.42
CA SER A 155 -3.99 -22.73 15.76
C SER A 155 -3.65 -23.62 14.55
N ASP A 156 -3.81 -24.93 14.70
CA ASP A 156 -3.53 -25.87 13.65
C ASP A 156 -4.34 -25.57 12.38
N GLU A 157 -5.61 -25.17 12.59
CA GLU A 157 -6.47 -24.83 11.48
C GLU A 157 -5.88 -23.62 10.72
N VAL A 158 -5.40 -22.66 11.50
CA VAL A 158 -4.92 -21.45 10.84
C VAL A 158 -3.68 -21.81 10.01
N LYS A 159 -2.81 -22.62 10.60
CA LYS A 159 -1.65 -23.16 9.92
C LYS A 159 -1.97 -23.78 8.58
N ASP A 160 -2.92 -24.71 8.59
CA ASP A 160 -3.34 -25.32 7.32
C ASP A 160 -3.91 -24.40 6.31
N GLU A 161 -4.74 -23.47 6.75
CA GLU A 161 -5.42 -22.60 5.87
C GLU A 161 -4.38 -21.63 5.22
N MET A 162 -3.37 -21.24 5.99
CA MET A 162 -2.31 -20.37 5.39
C MET A 162 -1.61 -21.11 4.25
N ARG A 163 -1.29 -22.39 4.45
CA ARG A 163 -0.70 -23.19 3.34
C ARG A 163 -1.61 -23.26 2.12
N THR A 164 -2.90 -23.53 2.34
CA THR A 164 -3.84 -23.55 1.24
C THR A 164 -3.87 -22.18 0.50
N LEU A 165 -3.86 -21.09 1.28
CA LEU A 165 -3.99 -19.79 0.70
C LEU A 165 -2.76 -19.52 -0.14
N ALA A 166 -1.59 -19.89 0.40
CA ALA A 166 -0.35 -19.60 -0.40
C ALA A 166 -0.23 -20.47 -1.67
N GLN A 167 -0.65 -21.76 -1.57
CA GLN A 167 -0.37 -22.69 -2.69
C GLN A 167 -1.50 -22.69 -3.72
N GLU A 168 -2.75 -22.47 -3.29
CA GLU A 168 -3.92 -22.59 -4.19
C GLU A 168 -4.74 -21.31 -4.39
N ARG A 169 -4.62 -20.28 -3.53
CA ARG A 169 -5.57 -19.16 -3.62
C ARG A 169 -4.88 -17.87 -4.02
N GLY A 170 -3.60 -17.98 -4.33
CA GLY A 170 -3.04 -16.80 -5.02
C GLY A 170 -2.41 -15.79 -4.05
N VAL A 171 -2.32 -16.13 -2.78
CA VAL A 171 -1.91 -15.15 -1.71
C VAL A 171 -0.52 -15.47 -1.11
N ASN A 172 0.48 -14.56 -1.26
CA ASN A 172 1.79 -14.85 -0.65
C ASN A 172 2.14 -13.81 0.44
N SER A 173 1.11 -13.16 1.02
CA SER A 173 1.36 -12.13 2.05
C SER A 173 0.33 -12.30 3.15
N PHE A 174 0.83 -12.38 4.35
CA PHE A 174 -0.05 -12.55 5.55
C PHE A 174 0.25 -11.41 6.49
N KCX A 175 -0.82 -10.86 7.06
CA KCX A 175 -0.76 -9.61 7.84
CB KCX A 175 -1.78 -8.60 7.30
CG KCX A 175 -2.07 -7.41 8.21
CD KCX A 175 -0.82 -6.49 8.10
CE KCX A 175 -1.19 -5.09 8.64
NZ KCX A 175 -2.18 -4.39 7.88
C KCX A 175 -1.02 -9.88 9.31
O KCX A 175 -2.05 -10.51 9.72
CX KCX A 175 -2.70 -3.25 8.26
OQ1 KCX A 175 -3.53 -2.67 7.58
OQ2 KCX A 175 -2.26 -2.76 9.36
N MET A 176 -0.05 -9.45 10.12
CA MET A 176 -0.19 -9.67 11.58
C MET A 176 -0.19 -8.34 12.27
N PHE A 177 -0.89 -8.29 13.41
CA PHE A 177 -0.98 -7.05 14.16
C PHE A 177 -0.34 -7.13 15.57
N MET A 178 0.51 -6.13 15.90
CA MET A 178 0.98 -6.04 17.28
C MET A 178 0.12 -5.04 18.10
N ALA A 179 -0.71 -4.25 17.43
CA ALA A 179 -1.66 -3.30 18.04
C ALA A 179 -3.06 -4.01 18.14
N TYR A 180 -4.12 -3.26 18.51
CA TYR A 180 -5.54 -3.78 18.55
C TYR A 180 -5.67 -4.95 19.55
N LYS A 181 -5.30 -4.66 20.77
CA LYS A 181 -5.38 -5.61 21.84
C LYS A 181 -6.85 -6.09 21.97
N GLY A 182 -7.05 -7.36 22.20
CA GLY A 182 -8.43 -7.87 22.24
C GLY A 182 -9.10 -8.11 20.90
N LEU A 183 -8.61 -7.49 19.83
CA LEU A 183 -9.28 -7.56 18.56
C LEU A 183 -8.42 -8.36 17.53
N PHE A 184 -7.18 -7.91 17.29
CA PHE A 184 -6.31 -8.59 16.26
C PHE A 184 -4.93 -8.97 16.82
N MET A 185 -4.54 -8.35 17.97
CA MET A 185 -3.24 -8.52 18.48
C MET A 185 -2.68 -9.94 18.65
N LEU A 186 -1.41 -10.11 18.34
CA LEU A 186 -0.71 -11.37 18.64
C LEU A 186 0.49 -11.06 19.54
N ARG A 187 0.79 -11.97 20.45
CA ARG A 187 1.93 -11.82 21.41
C ARG A 187 3.19 -12.29 20.72
N ASP A 188 4.35 -12.00 21.35
CA ASP A 188 5.62 -12.43 20.77
C ASP A 188 5.73 -13.90 20.45
N ASP A 189 5.20 -14.77 21.34
CA ASP A 189 5.41 -16.17 21.06
C ASP A 189 4.51 -16.57 19.86
N GLU A 190 3.33 -15.99 19.75
CA GLU A 190 2.48 -16.29 18.59
C GLU A 190 3.09 -15.71 17.30
N LEU A 191 3.64 -14.50 17.35
CA LEU A 191 4.33 -13.92 16.16
C LEU A 191 5.48 -14.78 15.71
N TYR A 192 6.20 -15.41 16.68
CA TYR A 192 7.35 -16.21 16.33
C TYR A 192 6.80 -17.41 15.53
N ALA A 193 5.73 -18.05 16.06
CA ALA A 193 5.20 -19.23 15.34
C ALA A 193 4.65 -18.84 13.94
N VAL A 194 3.91 -17.73 13.87
CA VAL A 194 3.28 -17.28 12.67
C VAL A 194 4.36 -16.95 11.63
N PHE A 195 5.35 -16.17 12.05
CA PHE A 195 6.44 -15.83 11.11
C PHE A 195 7.17 -17.11 10.65
N SER A 196 7.44 -18.05 11.56
CA SER A 196 8.07 -19.32 11.17
C SER A 196 7.26 -19.99 10.08
N HIS A 197 5.94 -19.99 10.21
CA HIS A 197 5.10 -20.69 9.23
C HIS A 197 5.01 -19.89 7.92
N CYS A 198 5.02 -18.53 8.00
CA CYS A 198 5.15 -17.74 6.75
C CYS A 198 6.33 -18.18 5.92
N LYS A 199 7.47 -18.32 6.60
CA LYS A 199 8.73 -18.70 5.92
C LYS A 199 8.56 -20.11 5.31
N GLU A 200 7.94 -20.99 6.10
CA GLU A 200 7.68 -22.36 5.54
C GLU A 200 6.86 -22.37 4.24
N VAL A 201 5.82 -21.53 4.12
CA VAL A 201 4.91 -21.53 2.95
C VAL A 201 5.37 -20.56 1.84
N GLY A 202 6.48 -19.90 2.11
CA GLY A 202 7.05 -18.93 1.06
C GLY A 202 6.28 -17.63 0.98
N ALA A 203 5.74 -17.17 2.10
CA ALA A 203 4.91 -15.94 2.12
C ALA A 203 5.76 -14.86 2.79
N ILE A 204 5.43 -13.57 2.52
CA ILE A 204 6.08 -12.50 3.30
C ILE A 204 5.18 -12.16 4.48
N ALA A 205 5.81 -11.84 5.62
CA ALA A 205 5.07 -11.46 6.82
C ALA A 205 4.94 -9.96 6.86
N GLN A 206 3.69 -9.48 6.81
CA GLN A 206 3.47 -8.04 6.95
C GLN A 206 3.09 -7.74 8.39
N VAL A 207 3.49 -6.60 8.91
CA VAL A 207 3.13 -6.29 10.33
C VAL A 207 2.64 -4.90 10.48
N HIS A 208 1.56 -4.75 11.29
CA HIS A 208 1.21 -3.40 11.81
C HIS A 208 1.94 -3.26 13.12
N ALA A 209 2.97 -2.45 13.15
CA ALA A 209 3.93 -2.43 14.27
C ALA A 209 3.65 -1.27 15.22
N GLU A 210 2.76 -1.49 16.23
CA GLU A 210 2.72 -0.55 17.40
C GLU A 210 2.49 -1.43 18.61
N ASN A 211 2.94 -0.99 19.78
CA ASN A 211 2.81 -1.83 20.98
C ASN A 211 1.34 -1.69 21.43
N GLY A 212 0.57 -2.76 21.30
CA GLY A 212 -0.84 -2.68 21.63
C GLY A 212 -1.07 -2.52 23.17
N ASP A 213 -0.20 -3.05 24.04
CA ASP A 213 -0.35 -2.76 25.52
C ASP A 213 -0.17 -1.31 25.84
N LEU A 214 0.81 -0.65 25.22
CA LEU A 214 0.99 0.78 25.47
C LEU A 214 -0.14 1.64 24.93
N ILE A 215 -0.64 1.30 23.74
CA ILE A 215 -1.83 1.94 23.19
C ILE A 215 -2.98 1.79 24.19
N ALA A 216 -3.21 0.59 24.62
CA ALA A 216 -4.41 0.34 25.46
C ALA A 216 -4.29 1.21 26.74
N GLU A 217 -3.13 1.17 27.40
CA GLU A 217 -2.94 2.00 28.62
C GLU A 217 -2.91 3.45 28.38
N GLY A 218 -2.31 3.83 27.27
CA GLY A 218 -2.14 5.21 26.96
C GLY A 218 -3.48 5.91 26.74
N ALA A 219 -4.34 5.24 25.97
CA ALA A 219 -5.70 5.80 25.70
C ALA A 219 -6.48 5.97 27.01
N LYS A 220 -6.41 4.92 27.81
CA LYS A 220 -7.09 4.92 29.11
C LYS A 220 -6.64 6.17 29.88
N LYS A 221 -5.34 6.49 29.80
CA LYS A 221 -4.80 7.63 30.56
C LYS A 221 -5.23 8.97 29.96
N MET A 222 -5.20 9.11 28.63
CA MET A 222 -5.59 10.34 28.02
C MET A 222 -7.09 10.62 28.35
N LEU A 223 -7.95 9.59 28.25
CA LEU A 223 -9.39 9.79 28.57
C LEU A 223 -9.54 10.28 30.04
N SER A 224 -8.84 9.63 30.98
CA SER A 224 -8.96 9.97 32.44
C SER A 224 -8.54 11.41 32.65
N LEU A 225 -7.67 11.93 31.82
CA LEU A 225 -7.24 13.30 31.97
C LEU A 225 -8.13 14.26 31.21
N GLY A 226 -9.26 13.79 30.68
CA GLY A 226 -10.15 14.68 29.92
C GLY A 226 -9.70 15.11 28.56
N ILE A 227 -8.73 14.41 27.97
CA ILE A 227 -8.27 14.75 26.61
C ILE A 227 -8.98 13.73 25.72
N THR A 228 -10.19 14.12 25.24
CA THR A 228 -11.02 13.16 24.54
C THR A 228 -10.93 13.43 23.01
N GLY A 229 -10.36 14.55 22.58
CA GLY A 229 -10.21 14.93 21.19
C GLY A 229 -9.08 14.18 20.48
N PRO A 230 -8.91 14.44 19.16
CA PRO A 230 -7.97 13.65 18.33
C PRO A 230 -6.53 13.84 18.80
N GLU A 231 -6.26 14.95 19.48
CA GLU A 231 -4.87 15.14 20.01
C GLU A 231 -4.57 14.01 20.98
N GLY A 232 -5.59 13.53 21.69
CA GLY A 232 -5.44 12.43 22.62
C GLY A 232 -5.04 11.12 21.92
N HIS A 233 -5.54 10.95 20.70
CA HIS A 233 -5.23 9.76 19.89
C HIS A 233 -3.73 9.70 19.57
N GLU A 234 -3.13 10.84 19.19
CA GLU A 234 -1.66 10.86 18.87
C GLU A 234 -0.84 10.73 20.16
N LEU A 235 -1.25 11.53 21.17
CA LEU A 235 -0.50 11.53 22.45
C LEU A 235 -0.48 10.21 23.22
N CYS A 236 -1.52 9.39 23.07
CA CYS A 236 -1.56 8.07 23.72
C CYS A 236 -0.65 7.03 23.05
N ARG A 237 -0.13 7.35 21.85
CA ARG A 237 0.71 6.38 21.12
C ARG A 237 1.73 7.11 20.23
N PRO A 238 2.65 7.85 20.89
CA PRO A 238 3.58 8.73 20.19
C PRO A 238 4.56 7.82 19.42
N GLU A 239 5.41 8.40 18.60
CA GLU A 239 6.28 7.56 17.70
C GLU A 239 7.16 6.50 18.32
N ALA A 240 7.60 6.70 19.57
CA ALA A 240 8.31 5.64 20.25
C ALA A 240 7.58 4.33 20.29
N VAL A 241 6.23 4.39 20.39
CA VAL A 241 5.42 3.23 20.51
C VAL A 241 5.42 2.41 19.18
N GLU A 242 5.43 3.15 18.05
CA GLU A 242 5.54 2.52 16.73
C GLU A 242 7.03 2.00 16.57
N ALA A 243 8.01 2.83 16.92
CA ALA A 243 9.43 2.39 16.71
C ALA A 243 9.75 1.16 17.49
N GLU A 244 9.28 1.06 18.73
CA GLU A 244 9.54 -0.12 19.50
C GLU A 244 9.01 -1.42 18.85
N ALA A 245 7.75 -1.45 18.55
CA ALA A 245 7.15 -2.65 17.96
C ALA A 245 7.85 -2.96 16.59
N THR A 246 8.23 -1.92 15.86
CA THR A 246 8.85 -2.14 14.55
C THR A 246 10.22 -2.94 14.79
N GLN A 247 11.01 -2.53 15.77
CA GLN A 247 12.26 -3.17 16.08
C GLN A 247 12.00 -4.58 16.56
N ARG A 248 10.93 -4.73 17.39
CA ARG A 248 10.64 -6.06 17.93
C ARG A 248 10.22 -7.04 16.81
N ALA A 249 9.37 -6.56 15.89
CA ALA A 249 8.99 -7.44 14.74
C ALA A 249 10.22 -7.84 13.94
N ILE A 250 11.08 -6.85 13.63
CA ILE A 250 12.31 -7.15 12.91
C ILE A 250 13.14 -8.24 13.62
N THR A 251 13.26 -8.14 14.95
CA THR A 251 14.06 -9.08 15.72
C THR A 251 13.50 -10.49 15.75
N ILE A 252 12.19 -10.59 15.94
CA ILE A 252 11.55 -11.92 15.84
C ILE A 252 11.67 -12.49 14.40
N ALA A 253 11.47 -11.66 13.38
CA ALA A 253 11.52 -12.18 12.00
C ALA A 253 12.97 -12.59 11.75
N SER A 254 13.97 -11.84 12.26
CA SER A 254 15.33 -12.20 11.94
C SER A 254 15.66 -13.53 12.67
N ALA A 255 15.13 -13.78 13.86
CA ALA A 255 15.38 -14.96 14.61
C ALA A 255 14.93 -16.20 13.79
N VAL A 256 13.86 -16.09 13.02
CA VAL A 256 13.39 -17.29 12.28
C VAL A 256 13.74 -17.24 10.79
N ASN A 257 14.53 -16.21 10.39
CA ASN A 257 14.87 -15.97 8.95
C ASN A 257 13.62 -15.86 8.06
N CYS A 258 12.59 -15.14 8.53
CA CYS A 258 11.36 -14.92 7.78
C CYS A 258 11.47 -13.45 7.19
N PRO A 259 11.21 -13.25 5.91
CA PRO A 259 11.14 -11.89 5.34
C PRO A 259 9.99 -11.08 5.94
N LEU A 260 10.26 -9.77 6.21
CA LEU A 260 9.23 -8.96 6.91
C LEU A 260 8.92 -7.72 6.13
N TYR A 261 7.68 -7.23 6.25
CA TYR A 261 7.20 -6.07 5.52
C TYR A 261 6.47 -5.24 6.54
N VAL A 262 6.99 -4.04 6.82
CA VAL A 262 6.36 -3.18 7.86
C VAL A 262 5.41 -2.23 7.08
N VAL A 263 4.11 -2.38 7.34
CA VAL A 263 3.19 -1.55 6.58
C VAL A 263 3.03 -0.21 7.26
N HIS A 264 2.47 0.76 6.51
CA HIS A 264 2.33 2.18 6.95
C HIS A 264 3.34 2.67 7.98
N VAL A 265 4.58 2.89 7.53
CA VAL A 265 5.56 3.51 8.39
C VAL A 265 5.17 5.00 8.43
N MET A 266 4.90 5.45 9.66
CA MET A 266 4.34 6.81 9.87
C MET A 266 5.33 7.78 10.51
N SER A 267 6.46 7.34 11.02
CA SER A 267 7.34 8.28 11.81
C SER A 267 8.81 8.17 11.46
N LYS A 268 9.57 9.27 11.71
CA LYS A 268 11.02 9.23 11.52
C LYS A 268 11.68 8.12 12.30
N SER A 269 11.29 7.93 13.58
CA SER A 269 12.01 6.94 14.36
C SER A 269 11.69 5.49 13.85
N ALA A 270 10.44 5.19 13.46
CA ALA A 270 10.22 3.87 12.96
C ALA A 270 10.93 3.69 11.64
N ALA A 271 10.94 4.72 10.76
CA ALA A 271 11.62 4.60 9.51
C ALA A 271 13.10 4.34 9.78
N ASP A 272 13.69 5.01 10.79
CA ASP A 272 15.12 4.76 11.05
C ASP A 272 15.37 3.32 11.55
N VAL A 273 14.40 2.72 12.26
CA VAL A 273 14.57 1.32 12.69
C VAL A 273 14.73 0.46 11.40
N VAL A 274 13.81 0.70 10.47
CA VAL A 274 13.82 -0.10 9.21
C VAL A 274 15.13 0.15 8.46
N SER A 275 15.55 1.40 8.48
CA SER A 275 16.75 1.82 7.73
C SER A 275 17.97 1.11 8.25
N LYS A 276 18.04 1.00 9.60
CA LYS A 276 19.20 0.43 10.26
C LYS A 276 19.19 -1.06 10.04
N ALA A 277 18.02 -1.69 10.14
CA ALA A 277 17.93 -3.13 9.90
C ALA A 277 18.35 -3.55 8.47
N ARG A 278 18.05 -2.71 7.49
CA ARG A 278 18.39 -3.05 6.11
C ARG A 278 19.89 -2.93 5.91
N LYS A 279 20.46 -1.80 6.42
CA LYS A 279 21.90 -1.63 6.35
C LYS A 279 22.64 -2.79 7.00
N ASP A 280 22.01 -3.35 8.05
CA ASP A 280 22.56 -4.50 8.74
C ASP A 280 22.20 -5.84 8.04
N GLY A 281 21.55 -5.78 6.90
CA GLY A 281 21.34 -6.92 5.99
C GLY A 281 20.08 -7.70 6.41
N ARG A 282 19.21 -7.18 7.28
CA ARG A 282 17.95 -7.90 7.56
C ARG A 282 17.03 -7.79 6.36
N VAL A 283 16.32 -8.89 6.05
CA VAL A 283 15.35 -8.87 4.94
C VAL A 283 14.03 -8.26 5.49
N VAL A 284 13.93 -6.92 5.38
CA VAL A 284 12.79 -6.17 5.81
C VAL A 284 12.57 -5.06 4.78
N PHE A 285 11.29 -4.82 4.50
CA PHE A 285 10.91 -3.72 3.64
C PHE A 285 9.99 -2.79 4.40
N GLY A 286 10.13 -1.50 4.15
CA GLY A 286 9.21 -0.53 4.81
C GLY A 286 8.36 0.25 3.80
N GLU A 287 7.09 0.41 4.18
CA GLU A 287 6.10 1.02 3.29
C GLU A 287 5.55 2.27 3.96
N PRO A 288 6.02 3.48 3.62
CA PRO A 288 5.31 4.70 4.03
C PRO A 288 4.02 4.77 3.17
N ILE A 289 3.01 5.57 3.60
CA ILE A 289 1.81 5.72 2.80
C ILE A 289 1.61 7.16 2.36
N ALA A 290 0.67 7.37 1.44
CA ALA A 290 0.47 8.75 0.95
C ALA A 290 0.25 9.73 2.10
N ALA A 291 -0.53 9.30 3.10
CA ALA A 291 -0.77 10.20 4.26
C ALA A 291 0.58 10.62 4.88
N SER A 292 1.49 9.66 5.19
CA SER A 292 2.69 10.04 5.91
C SER A 292 3.70 10.74 5.03
N LEU A 293 3.49 10.69 3.72
CA LEU A 293 4.39 11.40 2.81
C LEU A 293 3.88 12.79 2.43
N GLY A 294 2.62 13.05 2.74
CA GLY A 294 1.90 14.24 2.16
C GLY A 294 1.42 15.20 3.20
N THR A 295 1.33 14.76 4.45
CA THR A 295 0.86 15.69 5.46
C THR A 295 1.45 15.28 6.80
N ASP A 296 0.97 15.88 7.90
CA ASP A 296 1.54 15.59 9.22
C ASP A 296 0.46 15.60 10.31
N GLY A 297 0.84 15.26 11.55
CA GLY A 297 -0.13 15.10 12.66
C GLY A 297 -0.43 16.44 13.38
N THR A 298 0.14 17.58 12.92
CA THR A 298 -0.21 18.85 13.62
C THR A 298 -1.73 19.03 13.48
N ASN A 299 -2.31 18.45 12.41
CA ASN A 299 -3.74 18.51 12.21
C ASN A 299 -4.60 18.02 13.36
N TYR A 300 -4.05 17.14 14.24
CA TYR A 300 -4.87 16.59 15.31
C TYR A 300 -5.11 17.67 16.36
N TRP A 301 -4.33 18.75 16.29
CA TRP A 301 -4.47 19.82 17.32
C TRP A 301 -5.34 20.94 16.80
N HIS A 302 -5.96 20.76 15.65
CA HIS A 302 -6.77 21.82 15.02
C HIS A 302 -8.01 22.05 15.88
N LYS A 303 -8.36 23.34 15.95
CA LYS A 303 -9.43 23.85 16.76
C LYS A 303 -10.77 23.24 16.35
N ASP A 304 -10.93 22.95 15.07
CA ASP A 304 -12.16 22.34 14.52
C ASP A 304 -12.11 20.83 14.73
N TRP A 305 -12.99 20.31 15.56
CA TRP A 305 -12.95 18.87 15.86
C TRP A 305 -13.06 18.04 14.63
N ALA A 306 -13.99 18.39 13.74
CA ALA A 306 -14.19 17.55 12.56
C ALA A 306 -12.93 17.44 11.73
N HIS A 307 -12.25 18.58 11.58
CA HIS A 307 -11.03 18.67 10.78
C HIS A 307 -10.01 17.75 11.38
N ALA A 308 -9.77 17.88 12.68
CA ALA A 308 -8.76 17.04 13.38
C ALA A 308 -9.13 15.58 13.23
N ALA A 309 -10.40 15.24 13.36
CA ALA A 309 -10.80 13.82 13.26
C ALA A 309 -10.54 13.14 11.92
N GLN A 310 -10.50 13.94 10.87
CA GLN A 310 -10.35 13.45 9.50
C GLN A 310 -9.04 12.66 9.40
N TYR A 311 -8.03 13.09 10.18
CA TYR A 311 -6.67 12.49 10.09
C TYR A 311 -6.41 11.30 10.96
N VAL A 312 -7.37 10.90 11.78
CA VAL A 312 -7.17 9.87 12.75
C VAL A 312 -7.10 8.49 12.10
N MET A 313 -5.94 7.83 12.31
CA MET A 313 -5.64 6.47 11.87
C MET A 313 -4.56 5.94 12.82
N GLY A 314 -4.33 4.61 12.72
CA GLY A 314 -3.32 3.97 13.53
C GLY A 314 -2.28 3.36 12.59
N PRO A 315 -0.99 3.63 12.79
CA PRO A 315 -0.40 4.55 13.77
C PRO A 315 -0.73 5.98 13.32
N PRO A 316 -0.76 6.94 14.25
CA PRO A 316 -1.10 8.29 13.90
C PRO A 316 -0.04 9.03 13.07
N LEU A 317 -0.49 10.03 12.29
CA LEU A 317 0.42 11.03 11.65
C LEU A 317 1.14 11.78 12.78
N ARG A 318 2.36 12.27 12.53
CA ARG A 318 3.15 12.78 13.66
C ARG A 318 3.28 14.30 13.67
N PRO A 319 3.33 14.89 14.87
CA PRO A 319 3.28 16.38 14.94
C PRO A 319 4.62 17.01 14.64
N ASP A 320 5.67 16.21 14.40
CA ASP A 320 6.95 16.83 13.91
C ASP A 320 6.85 17.11 12.40
N PRO A 321 6.84 18.38 11.99
CA PRO A 321 6.57 18.79 10.59
C PRO A 321 7.66 18.34 9.63
N SER A 322 8.78 17.87 10.15
CA SER A 322 9.89 17.45 9.30
C SER A 322 9.65 15.97 8.87
N THR A 323 8.62 15.33 9.46
CA THR A 323 8.34 13.94 9.15
C THR A 323 8.12 13.59 7.64
N PRO A 324 7.14 14.17 6.97
CA PRO A 324 6.89 13.70 5.61
C PRO A 324 8.11 13.92 4.71
N GLY A 325 8.84 14.98 4.91
CA GLY A 325 10.02 15.22 4.05
C GLY A 325 11.10 14.17 4.31
N TYR A 326 11.24 13.79 5.56
CA TYR A 326 12.26 12.81 5.93
C TYR A 326 11.82 11.46 5.37
N LEU A 327 10.54 11.11 5.56
CA LEU A 327 10.13 9.85 4.98
C LEU A 327 10.36 9.83 3.47
N MET A 328 10.15 10.95 2.77
CA MET A 328 10.36 11.00 1.34
C MET A 328 11.88 10.86 1.01
N ASP A 329 12.75 11.43 1.83
CA ASP A 329 14.18 11.29 1.57
C ASP A 329 14.56 9.80 1.71
N LEU A 330 13.98 9.12 2.73
CA LEU A 330 14.35 7.70 2.94
C LEU A 330 13.70 6.82 1.84
N LEU A 331 12.52 7.22 1.37
CA LEU A 331 11.90 6.51 0.19
C LEU A 331 12.81 6.74 -1.04
N ALA A 332 13.36 7.95 -1.21
CA ALA A 332 14.24 8.15 -2.36
C ALA A 332 15.49 7.29 -2.28
N ASN A 333 16.00 7.10 -1.08
CA ASN A 333 17.29 6.44 -0.87
C ASN A 333 17.12 4.91 -0.67
N ASP A 334 15.86 4.44 -0.70
CA ASP A 334 15.56 3.00 -0.51
C ASP A 334 15.84 2.47 0.91
N ASP A 335 15.91 3.36 1.90
CA ASP A 335 15.68 2.90 3.29
C ASP A 335 14.22 2.43 3.41
N LEU A 336 13.33 3.13 2.72
CA LEU A 336 11.91 2.70 2.53
C LEU A 336 11.73 2.38 1.00
N THR A 337 10.87 1.38 0.67
CA THR A 337 11.03 0.76 -0.61
C THR A 337 9.79 0.96 -1.56
N LEU A 338 8.59 1.12 -0.98
CA LEU A 338 7.40 1.24 -1.80
C LEU A 338 6.24 1.85 -1.02
N THR A 339 5.12 2.09 -1.69
CA THR A 339 4.09 2.95 -1.13
C THR A 339 2.73 2.37 -1.34
N GLY A 340 1.88 2.61 -0.33
CA GLY A 340 0.46 2.22 -0.44
C GLY A 340 -0.29 3.45 0.13
N THR A 341 -1.58 3.29 0.48
CA THR A 341 -2.34 4.41 1.06
C THR A 341 -3.00 4.09 2.38
N ASP A 342 -3.20 2.80 2.71
CA ASP A 342 -4.04 2.45 3.82
C ASP A 342 -5.40 3.12 3.63
N ASN A 343 -5.84 3.23 2.37
CA ASN A 343 -7.22 3.80 2.15
C ASN A 343 -8.33 3.09 2.98
N CYS A 344 -8.93 3.80 3.93
CA CYS A 344 -9.95 3.18 4.81
C CYS A 344 -10.83 4.33 5.29
N THR A 345 -11.79 4.71 4.44
CA THR A 345 -12.34 6.06 4.58
C THR A 345 -13.65 6.05 5.36
N PHE A 346 -13.86 7.10 6.16
CA PHE A 346 -15.13 7.25 6.92
C PHE A 346 -15.56 8.67 6.76
N SER A 347 -16.82 8.87 6.36
CA SER A 347 -17.26 10.22 6.08
C SER A 347 -17.33 11.02 7.40
N ARG A 348 -17.58 12.31 7.27
CA ARG A 348 -17.68 13.18 8.42
C ARG A 348 -18.67 12.64 9.48
N CYS A 349 -19.86 12.16 9.07
CA CYS A 349 -20.82 11.72 10.09
C CYS A 349 -20.40 10.40 10.69
N GLN A 350 -19.58 9.61 9.98
CA GLN A 350 -19.05 8.42 10.64
C GLN A 350 -17.90 8.73 11.64
N LYS A 351 -16.99 9.61 11.26
CA LYS A 351 -15.93 10.05 12.16
C LYS A 351 -16.53 10.60 13.47
N ALA A 352 -17.69 11.25 13.32
CA ALA A 352 -18.44 11.79 14.47
C ALA A 352 -18.87 10.80 15.54
N LEU A 353 -18.87 9.50 15.25
CA LEU A 353 -19.06 8.50 16.27
C LEU A 353 -18.16 8.70 17.47
N GLY A 354 -17.00 9.35 17.28
CA GLY A 354 -16.08 9.54 18.38
C GLY A 354 -16.02 10.99 18.90
N LYS A 355 -17.10 11.77 18.70
CA LYS A 355 -17.03 13.24 19.01
C LYS A 355 -16.72 13.47 20.50
N ASP A 356 -17.11 12.53 21.35
CA ASP A 356 -16.86 12.65 22.80
C ASP A 356 -15.72 11.79 23.34
N ASP A 357 -15.05 11.04 22.44
CA ASP A 357 -14.16 9.95 22.89
C ASP A 357 -13.35 9.48 21.65
N PHE A 358 -12.10 9.91 21.60
CA PHE A 358 -11.27 9.64 20.38
C PHE A 358 -11.17 8.15 20.10
N THR A 359 -11.25 7.31 21.15
CA THR A 359 -11.12 5.86 20.95
C THR A 359 -12.23 5.32 20.08
N ARG A 360 -13.27 6.13 19.90
CA ARG A 360 -14.44 5.67 19.12
C ARG A 360 -14.51 6.29 17.72
N ILE A 361 -13.54 7.12 17.40
CA ILE A 361 -13.46 7.63 16.04
C ILE A 361 -12.98 6.48 15.13
N PRO A 362 -13.76 6.09 14.11
CA PRO A 362 -13.30 5.03 13.18
C PRO A 362 -11.99 5.47 12.54
N ASN A 363 -10.97 4.60 12.67
CA ASN A 363 -9.62 4.94 12.23
C ASN A 363 -9.46 4.75 10.74
N GLY A 364 -8.92 5.75 10.03
CA GLY A 364 -8.62 5.56 8.64
C GLY A 364 -8.67 6.80 7.88
N VAL A 365 -7.78 6.96 6.94
CA VAL A 365 -7.79 8.11 6.07
C VAL A 365 -7.92 7.78 4.58
N ASN A 366 -8.03 8.80 3.72
CA ASN A 366 -8.02 8.59 2.27
C ASN A 366 -6.59 8.54 1.68
N GLY A 367 -6.49 8.19 0.39
CA GLY A 367 -5.25 8.36 -0.38
C GLY A 367 -5.24 7.63 -1.70
N VAL A 368 -6.13 6.61 -1.87
CA VAL A 368 -5.99 5.80 -3.09
C VAL A 368 -5.92 6.64 -4.35
N GLU A 369 -6.78 7.67 -4.44
CA GLU A 369 -6.80 8.47 -5.64
C GLU A 369 -5.60 9.39 -5.74
N ASP A 370 -5.17 9.98 -4.59
CA ASP A 370 -4.15 11.06 -4.74
C ASP A 370 -2.69 10.66 -4.55
N ARG A 371 -2.49 9.37 -4.21
CA ARG A 371 -1.10 8.88 -3.91
C ARG A 371 -0.13 9.31 -5.08
N MET A 372 -0.48 9.06 -6.35
CA MET A 372 0.53 9.24 -7.42
C MET A 372 0.92 10.74 -7.49
N SER A 373 -0.10 11.62 -7.49
CA SER A 373 0.23 13.08 -7.58
C SER A 373 0.95 13.61 -6.32
N VAL A 374 0.53 13.11 -5.16
CA VAL A 374 1.20 13.56 -3.93
C VAL A 374 2.69 13.18 -3.97
N ILE A 375 3.00 11.93 -4.41
CA ILE A 375 4.37 11.48 -4.34
C ILE A 375 5.16 12.20 -5.42
N TRP A 376 4.53 12.45 -6.57
CA TRP A 376 5.29 13.16 -7.64
C TRP A 376 5.67 14.58 -7.17
N GLU A 377 4.67 15.29 -6.65
CA GLU A 377 4.91 16.66 -6.16
C GLU A 377 5.91 16.67 -5.02
N LYS A 378 5.71 15.81 -4.01
CA LYS A 378 6.58 15.89 -2.79
C LYS A 378 7.91 15.18 -3.01
N GLY A 379 7.96 14.30 -4.00
CA GLY A 379 9.24 13.54 -4.20
C GLY A 379 9.98 13.88 -5.45
N VAL A 380 9.29 14.02 -6.59
CA VAL A 380 10.06 14.29 -7.85
C VAL A 380 10.19 15.77 -8.11
N HIS A 381 9.08 16.51 -8.04
CA HIS A 381 9.18 17.97 -8.32
C HIS A 381 10.11 18.61 -7.34
N SER A 382 10.20 18.07 -6.12
CA SER A 382 11.05 18.68 -5.07
C SER A 382 12.52 18.37 -5.24
N GLY A 383 12.83 17.43 -6.13
CA GLY A 383 14.17 17.02 -6.42
C GLY A 383 14.74 15.92 -5.50
N LYS A 384 13.90 15.29 -4.68
CA LYS A 384 14.36 14.26 -3.78
C LYS A 384 14.63 12.93 -4.48
N MET A 385 13.79 12.57 -5.47
CA MET A 385 14.00 11.33 -6.25
C MET A 385 13.73 11.63 -7.71
N ASP A 386 14.24 10.78 -8.59
CA ASP A 386 14.01 11.03 -10.05
C ASP A 386 12.82 10.22 -10.53
N GLU A 387 12.46 10.44 -11.78
CA GLU A 387 11.19 9.81 -12.32
C GLU A 387 11.28 8.27 -12.28
N ASN A 388 12.50 7.75 -12.47
CA ASN A 388 12.62 6.33 -12.47
C ASN A 388 12.44 5.74 -11.05
N ARG A 389 12.99 6.41 -10.04
CA ARG A 389 12.77 5.93 -8.64
C ARG A 389 11.25 6.04 -8.31
N PHE A 390 10.60 7.08 -8.90
CA PHE A 390 9.12 7.22 -8.71
C PHE A 390 8.37 5.99 -9.19
N VAL A 391 8.72 5.49 -10.37
CA VAL A 391 8.14 4.25 -10.90
C VAL A 391 8.44 3.09 -9.94
N ALA A 392 9.66 2.99 -9.45
CA ALA A 392 9.99 1.82 -8.56
C ALA A 392 9.11 1.90 -7.31
N VAL A 393 8.92 3.09 -6.74
CA VAL A 393 8.27 3.12 -5.40
C VAL A 393 6.76 3.21 -5.55
N THR A 394 6.27 3.37 -6.78
CA THR A 394 4.77 3.37 -6.94
C THR A 394 4.25 2.12 -7.63
N SER A 395 5.11 1.37 -8.34
CA SER A 395 4.59 0.16 -9.02
C SER A 395 5.59 -1.03 -8.97
N SER A 396 6.80 -0.84 -9.44
CA SER A 396 7.67 -1.98 -9.73
C SER A 396 7.98 -2.73 -8.45
N ASN A 397 8.34 -2.00 -7.35
CA ASN A 397 8.70 -2.76 -6.18
C ASN A 397 7.55 -3.54 -5.63
N ALA A 398 6.37 -2.96 -5.74
CA ALA A 398 5.18 -3.78 -5.27
C ALA A 398 5.03 -5.08 -6.08
N ALA A 399 5.23 -4.99 -7.40
CA ALA A 399 5.12 -6.16 -8.28
C ALA A 399 6.25 -7.13 -7.91
N LYS A 400 7.48 -6.62 -7.59
CA LYS A 400 8.51 -7.56 -7.24
C LYS A 400 8.27 -8.31 -5.93
N ILE A 401 7.77 -7.59 -4.94
CA ILE A 401 7.63 -8.19 -3.60
C ILE A 401 6.41 -9.14 -3.62
N PHE A 402 5.31 -8.68 -4.17
CA PHE A 402 4.13 -9.55 -4.17
C PHE A 402 4.08 -10.55 -5.33
N ASN A 403 5.09 -10.54 -6.23
CA ASN A 403 5.43 -11.64 -7.17
C ASN A 403 4.67 -11.63 -8.47
N PHE A 404 4.70 -10.49 -9.19
CA PHE A 404 4.13 -10.44 -10.53
C PHE A 404 4.87 -9.38 -11.32
N TYR A 405 6.18 -9.42 -11.23
CA TYR A 405 7.01 -8.47 -12.00
C TYR A 405 7.77 -9.38 -12.97
N PRO A 406 7.93 -8.96 -14.24
CA PRO A 406 7.48 -7.71 -14.82
C PRO A 406 6.13 -7.74 -15.48
N GLN A 407 5.27 -8.67 -15.10
CA GLN A 407 3.89 -8.72 -15.61
C GLN A 407 3.23 -7.36 -15.36
N LYS A 408 3.39 -6.78 -14.17
CA LYS A 408 3.06 -5.38 -13.98
C LYS A 408 4.30 -4.61 -13.48
N GLY A 409 4.21 -3.29 -13.48
CA GLY A 409 5.33 -2.46 -13.01
C GLY A 409 6.40 -2.18 -14.02
N ARG A 410 6.12 -2.49 -15.29
CA ARG A 410 7.14 -2.26 -16.32
C ARG A 410 6.50 -2.11 -17.69
N ILE A 411 6.96 -1.10 -18.42
CA ILE A 411 6.50 -0.89 -19.80
C ILE A 411 7.48 -1.72 -20.63
N ALA A 412 7.00 -2.86 -21.08
CA ALA A 412 7.83 -3.81 -21.83
C ALA A 412 6.92 -4.81 -22.55
N LYS A 413 7.43 -5.38 -23.60
CA LYS A 413 6.67 -6.36 -24.40
C LYS A 413 6.32 -7.54 -23.57
N ASP A 414 5.06 -7.94 -23.64
CA ASP A 414 4.49 -9.09 -22.90
C ASP A 414 3.99 -8.74 -21.52
N SER A 415 4.20 -7.49 -21.08
CA SER A 415 3.67 -7.06 -19.77
C SER A 415 2.20 -6.69 -19.90
N ASP A 416 1.49 -6.62 -18.77
CA ASP A 416 0.09 -6.27 -18.79
C ASP A 416 -0.03 -4.81 -19.21
N ALA A 417 -1.09 -4.48 -19.97
CA ALA A 417 -1.25 -3.03 -20.44
C ALA A 417 -1.99 -2.25 -19.35
N ASP A 418 -1.29 -1.97 -18.23
CA ASP A 418 -1.82 -1.11 -17.18
C ASP A 418 -0.86 0.08 -17.25
N VAL A 419 -1.30 1.15 -17.89
CA VAL A 419 -0.30 2.17 -18.32
C VAL A 419 -0.92 3.52 -18.01
N VAL A 420 -0.10 4.51 -17.58
CA VAL A 420 -0.66 5.83 -17.29
C VAL A 420 0.13 6.81 -18.14
N ILE A 421 -0.62 7.71 -18.78
CA ILE A 421 0.03 8.83 -19.54
C ILE A 421 0.04 9.98 -18.57
N TRP A 422 1.25 10.51 -18.27
CA TRP A 422 1.45 11.35 -17.07
C TRP A 422 2.01 12.72 -17.53
N ASP A 423 1.38 13.82 -17.07
CA ASP A 423 1.92 15.16 -17.38
C ASP A 423 2.67 15.69 -16.10
N PRO A 424 4.00 15.73 -16.17
CA PRO A 424 4.76 16.08 -14.95
C PRO A 424 4.81 17.62 -14.74
N LYS A 425 4.50 18.39 -15.78
CA LYS A 425 4.66 19.86 -15.69
C LYS A 425 3.40 20.56 -15.23
N THR A 426 2.24 20.05 -15.57
CA THR A 426 0.98 20.67 -15.13
C THR A 426 0.68 20.36 -13.68
N THR A 427 0.01 21.27 -12.98
CA THR A 427 -0.46 21.00 -11.64
C THR A 427 -1.94 20.71 -11.61
N ARG A 428 -2.39 20.11 -10.52
CA ARG A 428 -3.82 19.97 -10.27
C ARG A 428 -3.97 20.24 -8.78
N LYS A 429 -5.07 20.86 -8.35
CA LYS A 429 -5.26 21.08 -6.93
C LYS A 429 -6.14 19.97 -6.40
N ILE A 430 -5.70 19.27 -5.35
CA ILE A 430 -6.55 18.19 -4.79
C ILE A 430 -7.63 18.84 -3.95
N SER A 431 -8.86 18.37 -4.16
CA SER A 431 -9.95 18.88 -3.35
C SER A 431 -11.06 17.82 -3.23
N ALA A 432 -11.76 17.72 -2.06
CA ALA A 432 -12.90 16.84 -1.94
C ALA A 432 -14.03 17.24 -2.86
N GLN A 433 -13.94 18.46 -3.39
CA GLN A 433 -14.98 18.96 -4.30
C GLN A 433 -14.86 18.37 -5.71
N THR A 434 -13.66 17.89 -6.04
CA THR A 434 -13.37 17.43 -7.37
C THR A 434 -12.86 15.97 -7.40
N HIS A 435 -12.57 15.44 -6.21
CA HIS A 435 -12.14 14.01 -6.17
C HIS A 435 -13.20 13.00 -6.43
N HIS A 436 -12.76 11.76 -6.69
CA HIS A 436 -13.72 10.72 -7.05
C HIS A 436 -13.95 9.78 -5.93
N GLN A 437 -13.34 9.99 -4.78
CA GLN A 437 -13.63 9.13 -3.64
C GLN A 437 -15.00 9.37 -3.03
N ALA A 438 -15.51 8.36 -2.37
CA ALA A 438 -16.83 8.47 -1.69
C ALA A 438 -16.72 9.39 -0.49
N VAL A 439 -15.59 9.44 0.18
CA VAL A 439 -15.47 10.24 1.40
C VAL A 439 -15.69 11.75 1.12
N ASP A 440 -16.29 12.46 2.11
CA ASP A 440 -16.68 13.87 1.89
C ASP A 440 -15.62 14.87 2.41
N TYR A 441 -14.37 14.44 2.54
CA TYR A 441 -13.31 15.40 2.78
C TYR A 441 -12.03 14.71 2.27
N ASN A 442 -10.90 15.40 2.35
CA ASN A 442 -9.64 14.85 1.75
C ASN A 442 -8.47 15.42 2.60
N ILE A 443 -7.62 14.54 3.18
CA ILE A 443 -6.51 14.98 4.01
C ILE A 443 -5.52 15.82 3.28
N PHE A 444 -5.60 15.83 1.95
CA PHE A 444 -4.70 16.64 1.20
C PHE A 444 -5.38 17.89 0.61
N GLU A 445 -6.52 18.30 1.18
CA GLU A 445 -7.33 19.39 0.64
C GLU A 445 -6.47 20.62 0.31
N GLY A 446 -6.53 21.11 -0.92
CA GLY A 446 -5.85 22.35 -1.28
C GLY A 446 -4.46 22.17 -1.78
N MET A 447 -3.91 20.96 -1.66
CA MET A 447 -2.54 20.76 -2.14
C MET A 447 -2.42 20.87 -3.65
N GLU A 448 -1.54 21.73 -4.11
CA GLU A 448 -1.27 21.91 -5.53
C GLU A 448 -0.13 20.98 -5.94
N CYS A 449 -0.44 19.98 -6.74
CA CYS A 449 0.58 18.99 -7.10
C CYS A 449 0.96 19.06 -8.53
N HIS A 450 2.28 19.13 -8.80
CA HIS A 450 2.74 18.81 -10.12
C HIS A 450 2.55 17.35 -10.39
N GLY A 451 2.20 16.98 -11.63
CA GLY A 451 2.14 15.56 -12.04
C GLY A 451 0.67 15.14 -12.08
N VAL A 452 0.13 15.00 -13.31
CA VAL A 452 -1.26 14.72 -13.46
C VAL A 452 -1.43 13.51 -14.36
N PRO A 453 -2.31 12.54 -13.96
CA PRO A 453 -2.64 11.43 -14.84
C PRO A 453 -3.65 11.91 -15.90
N VAL A 454 -3.22 12.03 -17.13
CA VAL A 454 -4.09 12.54 -18.21
C VAL A 454 -4.94 11.41 -18.81
N VAL A 455 -4.37 10.18 -18.90
CA VAL A 455 -5.04 9.03 -19.48
C VAL A 455 -4.63 7.79 -18.65
N THR A 456 -5.59 7.00 -18.23
CA THR A 456 -5.27 5.74 -17.56
C THR A 456 -5.76 4.60 -18.43
N VAL A 457 -4.87 3.65 -18.73
CA VAL A 457 -5.24 2.36 -19.40
C VAL A 457 -5.15 1.18 -18.45
N SER A 458 -6.24 0.41 -18.34
CA SER A 458 -6.22 -0.75 -17.41
C SER A 458 -6.68 -1.95 -18.24
N ARG A 459 -5.90 -3.06 -18.17
CA ARG A 459 -6.17 -4.28 -18.96
C ARG A 459 -6.31 -3.92 -20.43
N GLY A 460 -5.54 -2.97 -20.92
CA GLY A 460 -5.58 -2.72 -22.37
C GLY A 460 -6.75 -1.83 -22.78
N ARG A 461 -7.55 -1.30 -21.86
CA ARG A 461 -8.67 -0.39 -22.20
C ARG A 461 -8.50 1.00 -21.60
N VAL A 462 -8.89 2.06 -22.36
CA VAL A 462 -8.83 3.43 -21.82
C VAL A 462 -9.96 3.55 -20.81
N VAL A 463 -9.66 3.66 -19.49
CA VAL A 463 -10.72 3.71 -18.48
C VAL A 463 -10.79 5.11 -17.90
N TYR A 464 -9.88 6.01 -18.27
CA TYR A 464 -9.95 7.38 -17.69
C TYR A 464 -9.27 8.33 -18.67
N GLU A 465 -10.00 9.36 -19.10
CA GLU A 465 -9.43 10.32 -20.03
C GLU A 465 -10.36 11.54 -20.10
N GLU A 466 -9.75 12.68 -20.42
CA GLU A 466 -10.48 13.96 -20.41
C GLU A 466 -11.31 14.13 -19.11
N GLY A 467 -10.67 13.88 -17.97
CA GLY A 467 -11.29 13.93 -16.67
C GLY A 467 -12.49 13.03 -16.42
N ARG A 468 -12.76 12.07 -17.29
CA ARG A 468 -13.97 11.25 -17.10
C ARG A 468 -13.58 9.76 -17.08
N LEU A 469 -14.24 9.04 -16.18
CA LEU A 469 -14.06 7.60 -16.11
C LEU A 469 -14.93 6.83 -17.11
N LYS A 470 -14.43 5.72 -17.64
CA LYS A 470 -15.20 4.89 -18.57
C LYS A 470 -14.92 3.46 -18.23
N VAL A 471 -15.60 2.92 -17.22
CA VAL A 471 -15.23 1.60 -16.75
C VAL A 471 -16.42 0.97 -16.07
N SER A 472 -16.50 -0.35 -16.01
CA SER A 472 -17.63 -0.99 -15.34
C SER A 472 -17.20 -1.84 -14.14
N PRO A 473 -18.06 -1.86 -13.10
CA PRO A 473 -17.79 -2.71 -11.96
C PRO A 473 -17.60 -4.16 -12.40
N GLY A 474 -16.52 -4.80 -11.98
CA GLY A 474 -16.24 -6.16 -12.28
C GLY A 474 -15.33 -6.33 -13.49
N GLN A 475 -14.94 -5.22 -14.11
CA GLN A 475 -14.08 -5.27 -15.30
C GLN A 475 -12.61 -5.69 -14.85
N GLY A 476 -12.24 -5.37 -13.62
CA GLY A 476 -10.88 -5.73 -13.11
C GLY A 476 -10.86 -7.21 -12.72
N ARG A 477 -9.66 -7.81 -12.63
CA ARG A 477 -9.53 -9.21 -12.25
C ARG A 477 -8.64 -9.38 -11.03
N PHE A 478 -8.96 -10.37 -10.21
CA PHE A 478 -8.09 -10.83 -9.16
C PHE A 478 -6.80 -11.45 -9.75
N ILE A 479 -5.64 -11.03 -9.24
CA ILE A 479 -4.35 -11.52 -9.71
C ILE A 479 -3.83 -12.59 -8.76
N HIS A 480 -3.71 -13.84 -9.22
CA HIS A 480 -3.28 -14.95 -8.37
C HIS A 480 -1.77 -15.00 -8.38
N ARG A 481 -1.14 -14.93 -7.19
CA ARG A 481 0.33 -15.00 -7.19
C ARG A 481 0.82 -16.37 -6.65
N GLN A 482 2.05 -16.72 -6.96
CA GLN A 482 2.73 -17.87 -6.41
C GLN A 482 3.63 -17.44 -5.25
N PRO A 483 3.91 -18.36 -4.35
CA PRO A 483 4.83 -18.08 -3.21
C PRO A 483 6.28 -18.07 -3.59
N PHE A 484 7.14 -17.78 -2.62
CA PHE A 484 8.58 -17.72 -2.89
C PHE A 484 8.97 -16.72 -3.91
N SER A 485 8.43 -15.52 -3.75
CA SER A 485 8.86 -14.44 -4.65
C SER A 485 10.44 -14.27 -4.57
N GLU A 486 11.12 -14.24 -5.74
CA GLU A 486 12.56 -14.26 -5.75
C GLU A 486 13.14 -13.02 -5.12
N PHE A 487 12.48 -11.87 -5.32
CA PHE A 487 13.02 -10.60 -4.76
C PHE A 487 13.06 -10.63 -3.25
N VAL A 488 12.14 -11.40 -2.68
CA VAL A 488 11.97 -11.51 -1.23
C VAL A 488 12.78 -12.72 -0.70
N TYR A 489 12.86 -13.83 -1.46
CA TYR A 489 13.38 -15.13 -0.91
C TYR A 489 14.77 -15.54 -1.33
N LYS A 490 15.41 -14.92 -2.37
CA LYS A 490 16.66 -15.57 -2.82
C LYS A 490 17.75 -15.42 -1.74
N ARG A 491 17.77 -14.28 -0.99
CA ARG A 491 18.71 -14.20 0.09
C ARG A 491 18.34 -15.12 1.29
N ILE A 492 17.04 -15.20 1.58
CA ILE A 492 16.57 -15.99 2.69
C ILE A 492 17.12 -17.43 2.41
N ARG A 493 16.86 -17.91 1.19
CA ARG A 493 17.21 -19.33 0.88
C ARG A 493 18.70 -19.59 0.90
N GLN A 494 19.51 -18.61 0.51
CA GLN A 494 20.96 -18.81 0.52
C GLN A 494 21.45 -18.82 1.97
N ARG A 495 20.84 -17.98 2.80
CA ARG A 495 21.21 -17.95 4.24
C ARG A 495 20.79 -19.30 4.90
N ASP A 496 19.71 -19.91 4.44
CA ASP A 496 19.31 -21.19 4.99
C ASP A 496 20.43 -22.20 4.66
N GLU A 497 21.07 -22.05 3.50
CA GLU A 497 22.02 -23.02 3.04
C GLU A 497 23.43 -22.79 3.68
N VAL A 498 23.91 -21.56 3.88
CA VAL A 498 25.22 -21.32 4.49
C VAL A 498 25.25 -20.80 5.91
N GLY A 499 24.11 -20.51 6.51
CA GLY A 499 24.03 -19.79 7.79
C GLY A 499 23.52 -20.74 8.89
N LYS A 500 23.51 -22.04 8.65
CA LYS A 500 23.11 -22.99 9.71
C LYS A 500 24.10 -22.93 10.86
N PRO A 501 23.63 -22.77 12.12
CA PRO A 501 24.52 -22.86 13.31
C PRO A 501 25.20 -24.20 13.37
N ALA A 502 26.46 -24.25 13.78
CA ALA A 502 27.21 -25.48 13.85
C ALA A 502 27.54 -25.75 15.32
N VAL A 503 27.36 -27.00 15.78
CA VAL A 503 27.97 -27.49 17.03
C VAL A 503 29.51 -27.41 17.03
N VAL A 504 30.07 -27.17 18.21
CA VAL A 504 31.48 -27.34 18.41
C VAL A 504 31.73 -28.81 18.74
N ILE A 505 32.80 -29.37 18.18
CA ILE A 505 33.11 -30.80 18.38
C ILE A 505 33.91 -30.95 19.66
N ARG A 506 33.36 -31.68 20.64
CA ARG A 506 34.06 -31.81 21.94
C ARG A 506 34.08 -33.23 22.58
N GLU A 507 35.20 -33.54 23.21
CA GLU A 507 35.22 -34.71 24.10
C GLU A 507 34.18 -34.58 25.26
N PRO A 508 33.39 -35.66 25.54
CA PRO A 508 32.20 -35.61 26.47
C PRO A 508 32.39 -34.95 27.84
ZN ZN B . -4.11 -0.88 6.91
ZN ZN C . -2.52 -1.01 10.21
O41 URQ D . -4.71 -0.62 10.82
C4 URQ D . -5.07 -0.55 9.77
O42 URQ D . -4.15 -0.45 8.96
C5 URQ D . -6.57 -0.47 9.59
C7 URQ D . -7.42 -1.41 9.97
C6 URQ D . -7.33 0.67 9.46
N1 URQ D . -7.16 1.94 10.00
C2 URQ D . -6.16 2.41 10.60
O2 URQ D . -6.08 3.48 11.05
N3 URQ D . -5.20 1.62 10.77
#